data_7JVT
#
_entry.id   7JVT
#
_cell.length_a   177.338
_cell.length_b   177.338
_cell.length_c   108.607
_cell.angle_alpha   90.000
_cell.angle_beta   90.000
_cell.angle_gamma   120.000
#
_symmetry.space_group_name_H-M   'H 3 2'
#
loop_
_entity.id
_entity.type
_entity.pdbx_description
1 polymer 'Repressor protein CI'
2 polymer 'OL1 bottom'
3 polymer 'OL1 top'
4 water water
#
loop_
_entity_poly.entity_id
_entity_poly.type
_entity_poly.pdbx_seq_one_letter_code
_entity_poly.pdbx_strand_id
1 'polypeptide(L)'
;MSTKKKPLTQEQLEDARRLKAIYEKKKNELGLSQESVADKMGMGQSGVGALFNGINALNAYNAALLAKILKVSVEEFSPS
IAREIYEMYEAVSDAKRIEGFTLSEEILKSDKQLSVDAQFFTKPLTDGMAIRSEGKIYFVDKQASLSDGLWLVDIEGAIS
IRELTKLPGRKLHVAGGKVPFECGIDDIKTLGRVVGVYSEVNLVPRGSHHHHHH
;
C,D
2 'polydeoxyribonucleotide' (DA)(DA)(DT)(DA)(DC)(DC)(DA)(DC)(DT)(DG)(DG)(DC)(DG)(DG)(DT)(DG)(DA)(DT)(DA)(DT) E
3 'polydeoxyribonucleotide' (DT)(DA)(DT)(DA)(DT)(DC)(DA)(DC)(DC)(DG)(DC)(DC)(DA)(DG)(DT)(DG)(DG)(DT)(DA)(DT) F
#
loop_
_chem_comp.id
_chem_comp.type
_chem_comp.name
_chem_comp.formula
DA DNA linking 2'-DEOXYADENOSINE-5'-MONOPHOSPHATE 'C10 H14 N5 O6 P'
DC DNA linking 2'-DEOXYCYTIDINE-5'-MONOPHOSPHATE 'C9 H14 N3 O7 P'
DG DNA linking 2'-DEOXYGUANOSINE-5'-MONOPHOSPHATE 'C10 H14 N5 O7 P'
DT DNA linking THYMIDINE-5'-MONOPHOSPHATE 'C10 H15 N2 O8 P'
#
# COMPACT_ATOMS: atom_id res chain seq x y z
N LYS A 5 36.20 -14.89 3.23
CA LYS A 5 35.38 -14.20 2.23
C LYS A 5 34.65 -13.00 2.84
N LYS A 6 34.91 -11.82 2.29
CA LYS A 6 34.15 -10.63 2.65
C LYS A 6 33.78 -9.80 1.42
N PRO A 7 33.11 -10.37 0.41
CA PRO A 7 32.76 -9.57 -0.79
C PRO A 7 31.40 -8.89 -0.69
N LEU A 8 31.29 -7.86 0.15
CA LEU A 8 30.06 -7.10 0.23
C LEU A 8 29.91 -6.20 -0.98
N THR A 9 28.74 -6.21 -1.59
CA THR A 9 28.46 -5.36 -2.73
C THR A 9 28.49 -3.89 -2.31
N GLN A 10 28.97 -3.05 -3.23
CA GLN A 10 29.18 -1.62 -2.97
C GLN A 10 28.01 -0.97 -2.23
N GLU A 11 26.77 -1.34 -2.60
CA GLU A 11 25.61 -0.80 -1.89
C GLU A 11 25.40 -1.48 -0.54
N GLN A 12 25.84 -2.74 -0.40
CA GLN A 12 25.68 -3.43 0.88
C GLN A 12 26.54 -2.78 1.97
N LEU A 13 27.72 -2.27 1.61
CA LEU A 13 28.43 -1.40 2.56
C LEU A 13 27.80 -0.03 2.64
N GLU A 14 27.24 0.47 1.53
CA GLU A 14 26.49 1.72 1.59
C GLU A 14 25.27 1.58 2.48
N ASP A 15 24.67 0.40 2.53
CA ASP A 15 23.62 0.13 3.51
C ASP A 15 24.16 0.24 4.93
N ALA A 16 25.38 -0.27 5.16
CA ALA A 16 25.97 -0.21 6.49
C ALA A 16 26.41 1.20 6.86
N ARG A 17 26.72 2.03 5.87
CA ARG A 17 27.15 3.40 6.18
C ARG A 17 26.03 4.19 6.86
N ARG A 18 24.84 4.17 6.26
CA ARG A 18 23.71 4.87 6.86
C ARG A 18 23.26 4.20 8.14
N LEU A 19 23.26 2.86 8.17
CA LEU A 19 22.81 2.14 9.35
C LEU A 19 23.70 2.41 10.55
N LYS A 20 25.03 2.41 10.35
CA LYS A 20 25.94 2.70 11.45
C LYS A 20 25.78 4.13 11.95
N ALA A 21 25.64 5.09 11.04
CA ALA A 21 25.48 6.48 11.44
C ALA A 21 24.18 6.70 12.19
N ILE A 22 23.09 6.04 11.77
CA ILE A 22 21.81 6.18 12.44
C ILE A 22 21.89 5.63 13.86
N TYR A 23 22.60 4.51 14.04
CA TYR A 23 22.67 3.88 15.36
C TYR A 23 23.34 4.78 16.38
N GLU A 24 24.54 5.29 16.06
CA GLU A 24 25.29 6.07 17.04
C GLU A 24 24.67 7.45 17.27
N LYS A 25 24.08 8.04 16.23
CA LYS A 25 23.48 9.36 16.37
C LYS A 25 22.17 9.32 17.13
N LYS A 26 21.52 8.15 17.23
CA LYS A 26 20.24 8.03 17.90
C LYS A 26 20.29 7.16 19.15
N LYS A 27 21.42 6.52 19.46
CA LYS A 27 21.50 5.69 20.64
C LYS A 27 21.44 6.50 21.94
N ASN A 28 21.61 7.82 21.87
CA ASN A 28 21.45 8.64 23.06
C ASN A 28 19.99 8.80 23.44
N GLU A 29 19.12 8.97 22.44
CA GLU A 29 17.69 9.11 22.72
C GLU A 29 17.10 7.80 23.23
N LEU A 30 17.39 6.69 22.54
CA LEU A 30 16.86 5.39 22.93
C LEU A 30 17.62 4.75 24.08
N GLY A 31 18.87 5.19 24.32
CA GLY A 31 19.64 4.68 25.43
C GLY A 31 19.93 3.20 25.37
N LEU A 32 20.33 2.70 24.20
CA LEU A 32 20.59 1.28 24.00
C LEU A 32 22.00 1.08 23.46
N SER A 33 22.65 0.03 23.95
CA SER A 33 23.98 -0.36 23.49
C SER A 33 23.86 -1.46 22.45
N GLN A 34 25.01 -1.86 21.88
CA GLN A 34 25.00 -2.90 20.86
C GLN A 34 24.50 -4.22 21.41
N GLU A 35 24.90 -4.57 22.64
CA GLU A 35 24.43 -5.82 23.25
C GLU A 35 22.96 -5.74 23.63
N SER A 36 22.42 -4.55 23.87
CA SER A 36 21.00 -4.42 24.15
C SER A 36 20.18 -4.64 22.88
N VAL A 37 20.63 -4.10 21.75
CA VAL A 37 20.01 -4.41 20.47
C VAL A 37 20.20 -5.87 20.12
N ALA A 38 21.33 -6.45 20.53
CA ALA A 38 21.57 -7.87 20.29
C ALA A 38 20.54 -8.74 21.02
N ASP A 39 20.19 -8.37 22.26
CA ASP A 39 19.19 -9.13 22.99
C ASP A 39 17.84 -9.09 22.30
N LYS A 40 17.45 -7.92 21.79
CA LYS A 40 16.16 -7.79 21.12
C LYS A 40 16.12 -8.48 19.76
N MET A 41 17.27 -8.89 19.22
CA MET A 41 17.32 -9.58 17.94
C MET A 41 17.63 -11.06 18.08
N GLY A 42 17.74 -11.58 19.29
CA GLY A 42 18.16 -12.96 19.47
C GLY A 42 19.58 -13.22 19.00
N MET A 43 20.47 -12.24 19.17
CA MET A 43 21.84 -12.33 18.71
C MET A 43 22.79 -11.90 19.83
N GLY A 44 24.08 -12.11 19.59
CA GLY A 44 25.10 -11.58 20.45
C GLY A 44 25.62 -10.25 19.96
N GLN A 45 26.44 -9.61 20.80
CA GLN A 45 27.02 -8.32 20.41
C GLN A 45 27.92 -8.46 19.19
N SER A 46 28.57 -9.62 19.05
CA SER A 46 29.41 -9.85 17.88
C SER A 46 28.60 -9.91 16.60
N GLY A 47 27.35 -10.37 16.67
CA GLY A 47 26.52 -10.43 15.48
C GLY A 47 26.04 -9.08 15.00
N VAL A 48 25.87 -8.13 15.91
CA VAL A 48 25.39 -6.81 15.53
C VAL A 48 26.53 -5.95 14.97
N GLY A 49 27.74 -6.10 15.52
CA GLY A 49 28.86 -5.31 15.03
C GLY A 49 29.20 -5.59 13.58
N ALA A 50 28.99 -6.82 13.12
CA ALA A 50 29.25 -7.16 11.73
C ALA A 50 28.35 -6.37 10.79
N LEU A 51 27.07 -6.19 11.17
CA LEU A 51 26.14 -5.47 10.32
C LEU A 51 26.46 -3.97 10.29
N PHE A 52 26.90 -3.41 11.43
CA PHE A 52 27.12 -1.98 11.51
C PHE A 52 28.38 -1.57 10.73
N ASN A 53 29.46 -2.33 10.87
CA ASN A 53 30.73 -1.96 10.26
C ASN A 53 30.89 -2.49 8.84
N GLY A 54 29.97 -3.30 8.35
CA GLY A 54 30.07 -3.83 7.01
C GLY A 54 30.79 -5.14 6.88
N ILE A 55 30.72 -6.00 7.89
CA ILE A 55 31.31 -7.33 7.80
C ILE A 55 30.30 -8.35 7.28
N ASN A 56 29.06 -8.29 7.77
CA ASN A 56 27.99 -9.15 7.33
C ASN A 56 26.85 -8.30 6.78
N ALA A 57 26.31 -8.70 5.63
CA ALA A 57 25.25 -7.94 4.99
C ALA A 57 23.92 -8.19 5.69
N LEU A 58 22.94 -7.35 5.37
CA LEU A 58 21.61 -7.41 5.96
C LEU A 58 20.66 -8.17 5.06
N ASN A 59 19.86 -9.05 5.65
CA ASN A 59 18.77 -9.69 4.94
C ASN A 59 17.47 -8.92 5.21
N ALA A 60 16.34 -9.47 4.78
CA ALA A 60 15.08 -8.77 4.94
C ALA A 60 14.60 -8.79 6.39
N TYR A 61 14.97 -9.81 7.16
CA TYR A 61 14.43 -9.96 8.50
C TYR A 61 15.05 -8.98 9.49
N ASN A 62 16.37 -9.07 9.69
CA ASN A 62 17.01 -8.24 10.71
C ASN A 62 17.10 -6.77 10.29
N ALA A 63 17.02 -6.48 8.99
CA ALA A 63 16.95 -5.08 8.56
C ALA A 63 15.61 -4.46 8.95
N ALA A 64 14.52 -5.19 8.72
CA ALA A 64 13.22 -4.72 9.21
C ALA A 64 13.15 -4.77 10.73
N LEU A 65 13.82 -5.75 11.35
CA LEU A 65 13.87 -5.80 12.81
C LEU A 65 14.61 -4.60 13.37
N LEU A 66 15.73 -4.22 12.77
CA LEU A 66 16.45 -3.03 13.20
C LEU A 66 15.64 -1.77 12.94
N ALA A 67 14.83 -1.76 11.88
CA ALA A 67 13.97 -0.62 11.60
C ALA A 67 12.84 -0.47 12.60
N LYS A 68 12.59 -1.49 13.43
CA LYS A 68 11.61 -1.37 14.50
C LYS A 68 12.25 -0.96 15.83
N ILE A 69 13.48 -1.39 16.08
CA ILE A 69 14.18 -0.97 17.29
C ILE A 69 14.51 0.51 17.22
N LEU A 70 15.30 0.90 16.22
CA LEU A 70 15.48 2.30 15.89
C LEU A 70 14.22 2.81 15.20
N LYS A 71 13.72 3.97 15.64
CA LYS A 71 12.48 4.54 15.08
C LYS A 71 12.77 5.16 13.72
N VAL A 72 13.22 4.31 12.81
CA VAL A 72 13.65 4.71 11.47
C VAL A 72 13.15 3.68 10.48
N SER A 73 12.61 4.13 9.35
CA SER A 73 12.20 3.22 8.29
C SER A 73 13.41 2.58 7.64
N VAL A 74 13.25 1.32 7.21
CA VAL A 74 14.37 0.58 6.65
C VAL A 74 14.83 1.19 5.33
N GLU A 75 13.95 1.89 4.62
CA GLU A 75 14.34 2.56 3.39
C GLU A 75 15.32 3.69 3.63
N GLU A 76 15.35 4.26 4.84
CA GLU A 76 16.24 5.37 5.13
C GLU A 76 17.70 4.95 5.09
N PHE A 77 18.02 3.76 5.58
CA PHE A 77 19.39 3.27 5.58
C PHE A 77 19.63 2.16 4.56
N SER A 78 18.58 1.69 3.87
CA SER A 78 18.76 0.66 2.85
C SER A 78 17.60 0.70 1.85
N PRO A 79 17.66 1.56 0.84
CA PRO A 79 16.58 1.60 -0.16
C PRO A 79 16.41 0.29 -0.91
N SER A 80 17.49 -0.45 -1.15
CA SER A 80 17.40 -1.71 -1.88
C SER A 80 16.65 -2.77 -1.10
N ILE A 81 16.83 -2.81 0.22
CA ILE A 81 16.16 -3.82 1.04
C ILE A 81 14.68 -3.52 1.16
N ALA A 82 14.33 -2.25 1.42
CA ALA A 82 12.92 -1.89 1.53
C ALA A 82 12.17 -2.14 0.24
N ARG A 83 12.86 -2.02 -0.91
CA ARG A 83 12.24 -2.37 -2.18
C ARG A 83 11.84 -3.83 -2.23
N GLU A 84 12.71 -4.72 -1.76
CA GLU A 84 12.42 -6.14 -1.78
C GLU A 84 11.46 -6.57 -0.67
N ILE A 85 11.38 -5.82 0.43
CA ILE A 85 10.36 -6.10 1.44
C ILE A 85 8.97 -5.82 0.87
N TYR A 86 8.82 -4.73 0.14
CA TYR A 86 7.56 -4.47 -0.56
C TYR A 86 7.25 -5.56 -1.57
N GLU A 87 8.25 -6.00 -2.33
CA GLU A 87 8.02 -7.01 -3.35
C GLU A 87 7.58 -8.34 -2.74
N MET A 88 7.82 -8.54 -1.45
CA MET A 88 7.22 -9.66 -0.73
C MET A 88 5.83 -9.34 -0.23
N TYR A 89 5.53 -8.05 0.01
CA TYR A 89 4.21 -7.64 0.46
C TYR A 89 3.18 -7.62 -0.67
N GLU A 90 3.60 -7.79 -1.92
CA GLU A 90 2.65 -7.97 -3.00
C GLU A 90 2.06 -9.38 -3.03
N ALA A 91 2.74 -10.34 -2.41
CA ALA A 91 2.22 -11.71 -2.38
C ALA A 91 1.04 -11.85 -1.43
N VAL A 92 1.01 -11.05 -0.36
CA VAL A 92 -0.09 -11.05 0.61
C VAL A 92 -0.61 -9.63 0.72
N SER A 93 -1.92 -9.45 0.50
CA SER A 93 -2.53 -8.13 0.53
C SER A 93 -1.85 -7.19 -0.48
N ASP A 94 -2.06 -7.52 -1.76
CA ASP A 94 -1.22 -6.98 -2.82
C ASP A 94 -1.40 -5.48 -2.98
N ALA A 95 -0.82 -4.72 -2.05
CA ALA A 95 -0.72 -3.29 -2.17
C ALA A 95 0.36 -2.91 -3.18
N LYS A 96 0.34 -1.65 -3.60
CA LYS A 96 1.27 -1.15 -4.61
C LYS A 96 1.97 0.07 -4.05
N ARG A 97 3.28 -0.04 -3.82
CA ARG A 97 4.05 1.05 -3.25
C ARG A 97 4.31 2.11 -4.32
N ILE A 98 3.97 3.35 -3.99
CA ILE A 98 4.04 4.46 -4.94
C ILE A 98 4.91 5.55 -4.33
N GLU A 99 5.83 6.09 -5.14
CA GLU A 99 6.67 7.19 -4.68
C GLU A 99 5.80 8.39 -4.32
N GLY A 100 6.07 8.99 -3.16
CA GLY A 100 5.26 10.08 -2.64
C GLY A 100 5.91 11.43 -2.89
N PHE A 101 5.08 12.43 -3.18
CA PHE A 101 5.54 13.78 -3.44
C PHE A 101 4.54 14.77 -2.87
N THR A 102 4.99 16.01 -2.67
CA THR A 102 4.15 17.11 -2.23
C THR A 102 4.26 18.26 -3.21
N LEU A 103 3.14 18.92 -3.47
CA LEU A 103 3.07 20.03 -4.42
C LEU A 103 2.68 21.29 -3.64
N SER A 104 3.67 22.11 -3.31
CA SER A 104 3.45 23.35 -2.60
C SER A 104 4.17 24.48 -3.33
N GLU A 105 3.45 25.58 -3.58
CA GLU A 105 4.00 26.76 -4.26
C GLU A 105 4.59 26.39 -5.62
N GLU A 106 3.90 25.51 -6.35
CA GLU A 106 4.31 25.04 -7.67
C GLU A 106 5.68 24.38 -7.64
N ILE A 107 6.04 23.78 -6.51
CA ILE A 107 7.30 23.06 -6.35
C ILE A 107 6.98 21.64 -5.94
N LEU A 108 7.50 20.68 -6.71
CA LEU A 108 7.28 19.26 -6.44
C LEU A 108 8.44 18.74 -5.59
N LYS A 109 8.15 18.37 -4.35
CA LYS A 109 9.15 17.86 -3.42
C LYS A 109 8.83 16.41 -3.09
N SER A 110 9.88 15.58 -3.03
CA SER A 110 9.70 14.18 -2.72
C SER A 110 9.26 14.00 -1.26
N ASP A 111 8.53 12.91 -1.02
CA ASP A 111 8.01 12.62 0.31
C ASP A 111 8.09 11.11 0.52
N LYS A 112 7.47 10.65 1.62
CA LYS A 112 7.51 9.23 1.96
C LYS A 112 6.79 8.40 0.91
N GLN A 113 7.33 7.22 0.63
CA GLN A 113 6.69 6.31 -0.31
C GLN A 113 5.41 5.76 0.30
N LEU A 114 4.31 5.85 -0.46
CA LEU A 114 2.99 5.53 0.05
C LEU A 114 2.62 4.08 -0.23
N SER A 115 1.79 3.51 0.64
CA SER A 115 1.30 2.14 0.51
C SER A 115 -0.16 2.20 0.07
N VAL A 116 -0.43 1.72 -1.13
CA VAL A 116 -1.77 1.78 -1.73
C VAL A 116 -2.12 0.40 -2.27
N ASP A 117 -3.31 -0.07 -1.93
CA ASP A 117 -3.78 -1.35 -2.45
C ASP A 117 -4.06 -1.24 -3.95
N ALA A 118 -3.83 -2.34 -4.66
CA ALA A 118 -4.07 -2.39 -6.10
C ALA A 118 -5.54 -2.27 -6.46
N GLN A 119 -6.45 -2.44 -5.50
CA GLN A 119 -7.87 -2.34 -5.76
C GLN A 119 -8.36 -0.91 -5.93
N PHE A 120 -7.46 0.08 -5.92
CA PHE A 120 -7.84 1.46 -6.15
C PHE A 120 -7.92 1.82 -7.62
N PHE A 121 -7.23 1.09 -8.50
CA PHE A 121 -7.09 1.45 -9.89
C PHE A 121 -7.67 0.36 -10.79
N THR A 122 -8.54 0.76 -11.72
CA THR A 122 -9.06 -0.19 -12.70
C THR A 122 -7.93 -0.72 -13.59
N LYS A 123 -7.06 0.17 -14.06
CA LYS A 123 -5.90 -0.16 -14.88
C LYS A 123 -4.67 -0.31 -14.00
N PRO A 124 -3.87 -1.36 -14.23
CA PRO A 124 -2.64 -1.54 -13.44
C PRO A 124 -1.71 -0.35 -13.60
N LEU A 125 -1.07 0.03 -12.49
CA LEU A 125 -0.24 1.23 -12.41
C LEU A 125 1.21 0.78 -12.25
N THR A 126 1.92 0.69 -13.39
CA THR A 126 3.32 0.29 -13.34
C THR A 126 4.19 1.41 -12.78
N ASP A 127 4.20 2.56 -13.45
CA ASP A 127 4.95 3.73 -13.03
C ASP A 127 3.95 4.78 -12.54
N GLY A 128 3.84 4.93 -11.22
CA GLY A 128 2.86 5.81 -10.64
C GLY A 128 3.49 6.79 -9.66
N MET A 129 2.75 7.88 -9.43
CA MET A 129 3.16 8.92 -8.49
C MET A 129 1.99 9.29 -7.60
N ALA A 130 2.27 9.56 -6.33
CA ALA A 130 1.29 10.07 -5.39
C ALA A 130 1.72 11.47 -4.95
N ILE A 131 0.87 12.45 -5.17
CA ILE A 131 1.17 13.85 -4.90
C ILE A 131 0.17 14.39 -3.90
N ARG A 132 0.66 15.05 -2.86
CA ARG A 132 -0.17 15.61 -1.79
C ARG A 132 -0.25 17.11 -2.00
N SER A 133 -1.35 17.58 -2.60
CA SER A 133 -1.55 18.99 -2.89
C SER A 133 -2.94 19.42 -2.44
N GLU A 134 -3.00 20.59 -1.81
CA GLU A 134 -4.26 21.20 -1.38
C GLU A 134 -5.05 20.28 -0.46
N GLY A 135 -4.35 19.53 0.39
CA GLY A 135 -5.00 18.67 1.34
C GLY A 135 -5.55 17.37 0.77
N LYS A 136 -5.28 17.08 -0.50
CA LYS A 136 -5.75 15.87 -1.15
C LYS A 136 -4.56 15.07 -1.68
N ILE A 137 -4.83 13.84 -2.08
CA ILE A 137 -3.83 12.94 -2.64
C ILE A 137 -4.21 12.66 -4.09
N TYR A 138 -3.31 13.02 -5.01
CA TYR A 138 -3.52 12.78 -6.43
C TYR A 138 -2.60 11.66 -6.90
N PHE A 139 -3.19 10.64 -7.51
CA PHE A 139 -2.44 9.50 -8.02
C PHE A 139 -2.23 9.67 -9.52
N VAL A 140 -0.96 9.66 -9.93
CA VAL A 140 -0.57 10.04 -11.28
C VAL A 140 0.10 8.85 -11.96
N ASP A 141 -0.36 8.54 -13.18
CA ASP A 141 0.26 7.51 -14.01
C ASP A 141 1.40 8.16 -14.78
N LYS A 142 2.64 7.82 -14.41
CA LYS A 142 3.81 8.46 -15.01
C LYS A 142 3.86 8.22 -16.51
N GLN A 143 3.63 6.98 -16.93
CA GLN A 143 3.64 6.61 -18.34
C GLN A 143 2.20 6.35 -18.79
N ALA A 144 1.52 7.42 -19.19
CA ALA A 144 0.15 7.39 -19.66
C ALA A 144 0.06 8.11 -20.99
N SER A 145 -0.69 7.52 -21.93
CA SER A 145 -0.91 8.16 -23.22
C SER A 145 -1.70 9.46 -23.04
N LEU A 146 -1.41 10.43 -23.90
CA LEU A 146 -2.02 11.76 -23.78
C LEU A 146 -3.50 11.66 -24.13
N SER A 147 -4.34 11.72 -23.11
CA SER A 147 -5.79 11.71 -23.28
C SER A 147 -6.39 12.85 -22.49
N ASP A 148 -7.53 13.35 -22.96
CA ASP A 148 -8.21 14.46 -22.31
C ASP A 148 -8.56 14.09 -20.88
N GLY A 149 -7.96 14.78 -19.91
CA GLY A 149 -8.21 14.48 -18.52
C GLY A 149 -7.38 15.38 -17.62
N LEU A 150 -7.20 14.92 -16.39
CA LEU A 150 -6.43 15.67 -15.39
C LEU A 150 -4.99 15.19 -15.42
N TRP A 151 -4.06 16.15 -15.52
CA TRP A 151 -2.65 15.84 -15.73
C TRP A 151 -1.77 16.67 -14.81
N LEU A 152 -0.72 16.05 -14.29
CA LEU A 152 0.35 16.76 -13.60
C LEU A 152 1.32 17.28 -14.65
N VAL A 153 1.40 18.60 -14.80
CA VAL A 153 2.13 19.20 -15.91
C VAL A 153 3.21 20.13 -15.37
N ASP A 154 4.16 20.45 -16.24
CA ASP A 154 5.26 21.36 -15.95
C ASP A 154 5.20 22.49 -16.98
N ILE A 155 4.90 23.71 -16.52
CA ILE A 155 4.77 24.86 -17.40
C ILE A 155 5.91 25.82 -17.05
N GLU A 156 6.99 25.75 -17.83
CA GLU A 156 8.15 26.63 -17.67
C GLU A 156 8.70 26.59 -16.25
N GLY A 157 8.80 25.38 -15.69
CA GLY A 157 9.37 25.18 -14.38
C GLY A 157 8.37 25.05 -13.24
N ALA A 158 7.11 25.42 -13.48
CA ALA A 158 6.09 25.38 -12.44
C ALA A 158 5.31 24.07 -12.54
N ILE A 159 5.15 23.40 -11.40
CA ILE A 159 4.42 22.14 -11.33
C ILE A 159 3.01 22.43 -10.83
N SER A 160 2.01 21.94 -11.55
CA SER A 160 0.62 22.21 -11.19
C SER A 160 -0.27 21.13 -11.77
N ILE A 161 -1.46 21.00 -11.19
CA ILE A 161 -2.48 20.09 -11.68
C ILE A 161 -3.38 20.86 -12.63
N ARG A 162 -3.51 20.36 -13.85
CA ARG A 162 -4.29 21.04 -14.88
C ARG A 162 -5.16 20.02 -15.62
N GLU A 163 -6.27 20.52 -16.17
CA GLU A 163 -7.18 19.72 -16.97
C GLU A 163 -6.86 19.93 -18.44
N LEU A 164 -6.22 18.94 -19.06
CA LEU A 164 -5.79 19.05 -20.45
C LEU A 164 -6.89 18.59 -21.39
N THR A 165 -7.17 19.38 -22.41
CA THR A 165 -8.14 19.04 -23.44
C THR A 165 -7.47 19.21 -24.79
N LYS A 166 -7.34 18.11 -25.54
CA LYS A 166 -6.66 18.15 -26.82
C LYS A 166 -7.52 18.85 -27.86
N LEU A 167 -6.86 19.65 -28.71
CA LEU A 167 -7.50 20.39 -29.77
C LEU A 167 -6.79 20.10 -31.09
N PRO A 168 -7.49 20.21 -32.22
CA PRO A 168 -6.86 19.92 -33.50
C PRO A 168 -5.72 20.89 -33.79
N GLY A 169 -4.73 20.40 -34.54
CA GLY A 169 -3.53 21.16 -34.78
C GLY A 169 -2.44 20.98 -33.75
N ARG A 170 -2.44 19.86 -33.04
CA ARG A 170 -1.49 19.60 -31.96
C ARG A 170 -1.53 20.71 -30.91
N LYS A 171 -2.74 21.09 -30.54
CA LYS A 171 -2.97 22.14 -29.55
C LYS A 171 -3.52 21.53 -28.27
N LEU A 172 -3.54 22.35 -27.22
CA LEU A 172 -4.06 21.95 -25.92
C LEU A 172 -4.94 23.06 -25.38
N HIS A 173 -5.87 22.67 -24.49
CA HIS A 173 -6.72 23.61 -23.78
C HIS A 173 -6.45 23.40 -22.29
N VAL A 174 -5.52 24.17 -21.74
CA VAL A 174 -5.15 24.04 -20.33
C VAL A 174 -6.15 24.80 -19.48
N ALA A 175 -6.67 24.13 -18.44
CA ALA A 175 -7.65 24.71 -17.55
C ALA A 175 -7.27 24.43 -16.10
N GLY A 176 -7.77 25.27 -15.20
CA GLY A 176 -7.48 25.13 -13.80
C GLY A 176 -7.28 26.46 -13.11
N GLY A 177 -6.86 27.47 -13.87
CA GLY A 177 -6.67 28.81 -13.35
C GLY A 177 -7.93 29.64 -13.45
N LYS A 178 -7.77 30.94 -13.21
CA LYS A 178 -8.90 31.85 -13.31
C LYS A 178 -9.47 31.87 -14.72
N VAL A 179 -8.60 31.87 -15.73
CA VAL A 179 -9.02 31.82 -17.13
C VAL A 179 -8.21 30.75 -17.85
N PRO A 180 -8.85 29.84 -18.58
CA PRO A 180 -8.09 28.84 -19.35
C PRO A 180 -7.42 29.46 -20.56
N PHE A 181 -6.41 28.75 -21.07
CA PHE A 181 -5.64 29.22 -22.21
C PHE A 181 -5.33 28.05 -23.12
N GLU A 182 -4.95 28.37 -24.36
CA GLU A 182 -4.61 27.39 -25.37
C GLU A 182 -3.14 27.52 -25.76
N CYS A 183 -2.53 26.37 -26.08
CA CYS A 183 -1.14 26.32 -26.51
C CYS A 183 -0.93 25.00 -27.23
N GLY A 184 0.31 24.77 -27.66
CA GLY A 184 0.65 23.55 -28.36
C GLY A 184 0.96 22.39 -27.42
N ILE A 185 1.05 21.20 -28.01
CA ILE A 185 1.36 20.00 -27.23
C ILE A 185 2.75 20.12 -26.61
N ASP A 186 3.73 20.59 -27.40
CA ASP A 186 5.11 20.66 -26.95
C ASP A 186 5.39 21.85 -26.04
N ASP A 187 4.45 22.76 -25.87
CA ASP A 187 4.65 23.89 -24.97
C ASP A 187 4.56 23.49 -23.50
N ILE A 188 4.01 22.31 -23.20
CA ILE A 188 3.83 21.83 -21.84
C ILE A 188 4.48 20.45 -21.72
N LYS A 189 5.13 20.21 -20.58
CA LYS A 189 5.70 18.91 -20.27
C LYS A 189 4.73 18.16 -19.37
N THR A 190 4.07 17.15 -19.91
CA THR A 190 3.07 16.37 -19.17
C THR A 190 3.79 15.24 -18.44
N LEU A 191 3.94 15.38 -17.12
CA LEU A 191 4.59 14.34 -16.34
C LEU A 191 3.77 13.07 -16.30
N GLY A 192 2.45 13.18 -16.15
CA GLY A 192 1.60 12.01 -16.12
C GLY A 192 0.15 12.43 -15.89
N ARG A 193 -0.73 11.44 -16.02
CA ARG A 193 -2.16 11.65 -15.91
C ARG A 193 -2.67 11.24 -14.54
N VAL A 194 -3.57 12.04 -13.98
CA VAL A 194 -4.19 11.73 -12.69
C VAL A 194 -5.30 10.72 -12.91
N VAL A 195 -5.25 9.62 -12.18
CA VAL A 195 -6.24 8.56 -12.31
C VAL A 195 -7.12 8.41 -11.07
N GLY A 196 -6.67 8.84 -9.90
CA GLY A 196 -7.46 8.74 -8.69
C GLY A 196 -7.11 9.84 -7.73
N VAL A 197 -8.10 10.28 -6.96
CA VAL A 197 -7.94 11.35 -5.99
C VAL A 197 -8.57 10.91 -4.68
N TYR A 198 -7.89 11.21 -3.57
CA TYR A 198 -8.40 10.92 -2.23
C TYR A 198 -8.38 12.19 -1.39
N SER A 199 -9.38 12.33 -0.52
CA SER A 199 -9.44 13.45 0.39
C SER A 199 -10.22 13.04 1.64
N GLU A 200 -9.97 13.76 2.72
CA GLU A 200 -10.67 13.53 3.97
C GLU A 200 -11.78 14.57 4.16
N VAL A 201 -12.49 14.47 5.28
CA VAL A 201 -13.52 15.42 5.65
C VAL A 201 -13.17 16.01 7.01
N ASN A 202 -13.59 17.26 7.21
CA ASN A 202 -13.31 17.99 8.44
C ASN A 202 -11.81 18.05 8.74
N LYS B 4 24.26 -29.19 6.31
CA LYS B 4 23.76 -30.39 6.96
C LYS B 4 22.40 -30.79 6.41
N LYS B 5 21.45 -31.05 7.32
CA LYS B 5 20.10 -31.45 6.93
C LYS B 5 19.18 -31.16 8.11
N LYS B 6 18.20 -30.26 7.90
CA LYS B 6 17.29 -29.93 8.99
C LYS B 6 15.89 -30.44 8.70
N PRO B 7 15.21 -30.97 9.71
CA PRO B 7 14.00 -31.77 9.46
C PRO B 7 12.68 -31.01 9.37
N LEU B 8 12.68 -29.70 9.12
CA LEU B 8 11.43 -29.02 8.77
C LEU B 8 10.38 -29.06 9.87
N THR B 9 10.45 -28.10 10.80
CA THR B 9 9.85 -28.13 12.13
C THR B 9 8.34 -28.27 12.17
N GLN B 10 7.74 -28.86 11.15
CA GLN B 10 6.38 -29.38 11.08
C GLN B 10 5.34 -28.29 10.82
N GLU B 11 5.71 -27.01 10.89
CA GLU B 11 4.87 -26.01 10.26
C GLU B 11 5.33 -25.75 8.83
N GLN B 12 6.65 -25.83 8.60
CA GLN B 12 7.18 -25.84 7.25
C GLN B 12 6.73 -27.09 6.49
N LEU B 13 6.67 -28.23 7.18
CA LEU B 13 6.21 -29.46 6.54
C LEU B 13 4.77 -29.32 6.06
N GLU B 14 3.89 -28.79 6.91
CA GLU B 14 2.49 -28.64 6.51
C GLU B 14 2.30 -27.50 5.54
N ASP B 15 3.16 -26.47 5.60
CA ASP B 15 3.13 -25.42 4.60
C ASP B 15 3.46 -25.98 3.21
N ALA B 16 4.43 -26.91 3.16
CA ALA B 16 4.78 -27.52 1.88
C ALA B 16 3.63 -28.35 1.33
N ARG B 17 2.87 -29.03 2.21
CA ARG B 17 1.75 -29.84 1.75
C ARG B 17 0.69 -28.98 1.08
N ARG B 18 0.34 -27.84 1.68
CA ARG B 18 -0.61 -26.93 1.05
C ARG B 18 -0.06 -26.35 -0.23
N LEU B 19 1.23 -25.99 -0.25
CA LEU B 19 1.84 -25.47 -1.46
C LEU B 19 1.84 -26.49 -2.58
N LYS B 20 2.17 -27.74 -2.27
CA LYS B 20 2.12 -28.80 -3.28
C LYS B 20 0.70 -29.05 -3.73
N ALA B 21 -0.27 -29.04 -2.81
CA ALA B 21 -1.66 -29.25 -3.17
C ALA B 21 -2.20 -28.10 -4.01
N ILE B 22 -1.80 -26.86 -3.68
CA ILE B 22 -2.27 -25.70 -4.44
C ILE B 22 -1.59 -25.57 -5.79
N TYR B 23 -0.54 -26.35 -6.04
CA TYR B 23 0.16 -26.35 -7.32
C TYR B 23 -0.30 -27.45 -8.25
N GLU B 24 -0.54 -28.66 -7.73
CA GLU B 24 -0.93 -29.78 -8.58
C GLU B 24 -2.29 -29.55 -9.24
N LYS B 25 -3.18 -28.80 -8.59
CA LYS B 25 -4.49 -28.53 -9.14
C LYS B 25 -4.53 -27.29 -10.01
N LYS B 26 -3.44 -26.51 -10.07
CA LYS B 26 -3.42 -25.28 -10.87
C LYS B 26 -2.29 -25.23 -11.89
N LYS B 27 -1.46 -26.28 -11.98
CA LYS B 27 -0.41 -26.27 -13.00
C LYS B 27 -1.00 -26.32 -14.40
N ASN B 28 -2.06 -27.11 -14.59
CA ASN B 28 -2.74 -27.13 -15.89
C ASN B 28 -3.46 -25.81 -16.15
N GLU B 29 -4.01 -25.19 -15.10
CA GLU B 29 -4.67 -23.90 -15.24
C GLU B 29 -3.69 -22.82 -15.70
N LEU B 30 -2.41 -22.97 -15.37
CA LEU B 30 -1.40 -21.98 -15.70
C LEU B 30 -0.33 -22.49 -16.66
N GLY B 31 -0.41 -23.75 -17.09
CA GLY B 31 0.55 -24.30 -18.02
C GLY B 31 1.97 -24.35 -17.47
N LEU B 32 2.13 -24.84 -16.26
CA LEU B 32 3.41 -24.84 -15.57
C LEU B 32 3.82 -26.24 -15.18
N SER B 33 5.14 -26.46 -15.12
CA SER B 33 5.75 -27.68 -14.61
C SER B 33 6.82 -27.29 -13.60
N GLN B 34 7.45 -28.30 -12.99
CA GLN B 34 8.47 -28.01 -11.98
C GLN B 34 9.68 -27.31 -12.59
N GLU B 35 10.09 -27.72 -13.80
CA GLU B 35 11.14 -26.98 -14.49
C GLU B 35 10.65 -25.61 -14.95
N SER B 36 9.37 -25.50 -15.34
CA SER B 36 8.83 -24.20 -15.72
C SER B 36 8.81 -23.23 -14.55
N VAL B 37 8.70 -23.75 -13.33
CA VAL B 37 8.80 -22.90 -12.15
C VAL B 37 10.25 -22.73 -11.71
N ALA B 38 11.11 -23.70 -12.01
CA ALA B 38 12.53 -23.59 -11.67
C ALA B 38 13.18 -22.41 -12.40
N ASP B 39 12.85 -22.23 -13.68
CA ASP B 39 13.44 -21.13 -14.44
C ASP B 39 12.94 -19.78 -13.94
N LYS B 40 11.70 -19.71 -13.45
CA LYS B 40 11.17 -18.45 -12.94
C LYS B 40 11.86 -18.02 -11.66
N MET B 41 12.29 -18.98 -10.84
CA MET B 41 12.98 -18.68 -9.59
C MET B 41 14.49 -18.69 -9.72
N GLY B 42 15.02 -19.05 -10.88
CA GLY B 42 16.46 -19.16 -11.03
C GLY B 42 17.05 -20.39 -10.38
N MET B 43 16.31 -21.50 -10.37
CA MET B 43 16.79 -22.74 -9.77
C MET B 43 16.65 -23.90 -10.74
N GLY B 44 16.91 -25.12 -10.26
CA GLY B 44 16.68 -26.32 -11.03
C GLY B 44 15.45 -27.06 -10.53
N GLN B 45 15.05 -28.08 -11.30
CA GLN B 45 13.90 -28.88 -10.93
C GLN B 45 14.12 -29.60 -9.61
N SER B 46 15.38 -29.94 -9.29
CA SER B 46 15.68 -30.58 -8.01
C SER B 46 15.33 -29.66 -6.85
N GLY B 47 15.63 -28.37 -6.97
CA GLY B 47 15.30 -27.44 -5.91
C GLY B 47 13.83 -27.19 -5.75
N VAL B 48 13.07 -27.30 -6.84
CA VAL B 48 11.62 -27.07 -6.78
C VAL B 48 10.95 -28.21 -6.03
N GLY B 49 11.33 -29.45 -6.33
CA GLY B 49 10.71 -30.60 -5.66
C GLY B 49 11.02 -30.65 -4.18
N ALA B 50 12.19 -30.14 -3.77
CA ALA B 50 12.53 -30.13 -2.36
C ALA B 50 11.56 -29.26 -1.56
N LEU B 51 11.20 -28.09 -2.11
CA LEU B 51 10.23 -27.24 -1.43
C LEU B 51 8.85 -27.88 -1.42
N PHE B 52 8.45 -28.51 -2.52
CA PHE B 52 7.11 -29.10 -2.61
C PHE B 52 6.99 -30.32 -1.71
N ASN B 53 7.97 -31.22 -1.75
CA ASN B 53 7.92 -32.47 -1.00
C ASN B 53 8.46 -32.34 0.41
N GLY B 54 8.62 -31.11 0.91
CA GLY B 54 9.04 -30.90 2.28
C GLY B 54 10.44 -31.39 2.61
N ILE B 55 11.41 -31.07 1.77
CA ILE B 55 12.81 -31.39 2.03
C ILE B 55 13.61 -30.15 2.37
N ASN B 56 13.36 -29.04 1.66
CA ASN B 56 14.02 -27.76 1.93
C ASN B 56 12.97 -26.76 2.40
N ALA B 57 13.29 -26.04 3.48
CA ALA B 57 12.37 -25.06 4.03
C ALA B 57 12.43 -23.78 3.20
N LEU B 58 11.28 -23.36 2.69
CA LEU B 58 11.21 -22.15 1.88
C LEU B 58 11.16 -20.91 2.78
N ASN B 59 11.70 -19.81 2.28
CA ASN B 59 11.82 -18.57 3.01
C ASN B 59 10.81 -17.54 2.49
N ALA B 60 10.90 -16.32 3.01
CA ALA B 60 9.97 -15.27 2.63
C ALA B 60 10.11 -14.91 1.15
N TYR B 61 11.35 -14.86 0.65
CA TYR B 61 11.56 -14.54 -0.76
C TYR B 61 10.96 -15.60 -1.67
N ASN B 62 11.25 -16.87 -1.38
CA ASN B 62 10.71 -17.95 -2.20
C ASN B 62 9.18 -18.01 -2.11
N ALA B 63 8.64 -17.81 -0.89
CA ALA B 63 7.18 -17.81 -0.74
C ALA B 63 6.55 -16.65 -1.50
N ALA B 64 7.22 -15.51 -1.55
CA ALA B 64 6.70 -14.37 -2.31
C ALA B 64 6.60 -14.68 -3.79
N LEU B 65 7.67 -15.24 -4.37
CA LEU B 65 7.64 -15.60 -5.78
C LEU B 65 6.66 -16.74 -6.05
N LEU B 66 6.64 -17.75 -5.17
CA LEU B 66 5.73 -18.88 -5.37
C LEU B 66 4.28 -18.42 -5.33
N ALA B 67 3.95 -17.45 -4.48
CA ALA B 67 2.60 -16.89 -4.46
C ALA B 67 2.30 -16.14 -5.75
N LYS B 68 3.30 -15.46 -6.30
CA LYS B 68 3.08 -14.70 -7.53
C LYS B 68 2.97 -15.62 -8.74
N ILE B 69 3.75 -16.70 -8.77
CA ILE B 69 3.70 -17.64 -9.88
C ILE B 69 2.32 -18.29 -9.97
N LEU B 70 1.76 -18.68 -8.83
CA LEU B 70 0.44 -19.28 -8.77
C LEU B 70 -0.68 -18.26 -8.63
N LYS B 71 -0.33 -16.97 -8.50
CA LYS B 71 -1.30 -15.89 -8.32
C LYS B 71 -2.24 -16.17 -7.14
N VAL B 72 -1.64 -16.58 -6.03
CA VAL B 72 -2.34 -16.77 -4.77
C VAL B 72 -1.63 -15.96 -3.70
N SER B 73 -2.14 -16.05 -2.47
CA SER B 73 -1.51 -15.42 -1.32
C SER B 73 -0.72 -16.47 -0.54
N VAL B 74 0.32 -16.00 0.17
CA VAL B 74 1.09 -16.89 1.02
C VAL B 74 0.22 -17.45 2.13
N GLU B 75 -0.82 -16.72 2.52
CA GLU B 75 -1.77 -17.23 3.51
C GLU B 75 -2.41 -18.53 3.04
N GLU B 76 -2.57 -18.71 1.73
CA GLU B 76 -3.25 -19.89 1.21
C GLU B 76 -2.44 -21.16 1.43
N PHE B 77 -1.13 -21.06 1.64
CA PHE B 77 -0.30 -22.24 1.91
C PHE B 77 0.64 -22.07 3.09
N SER B 78 0.92 -20.86 3.55
CA SER B 78 1.82 -20.66 4.68
C SER B 78 1.39 -19.40 5.43
N PRO B 79 0.44 -19.54 6.36
CA PRO B 79 0.01 -18.37 7.14
C PRO B 79 1.10 -17.78 8.02
N SER B 80 2.13 -18.56 8.36
CA SER B 80 3.17 -18.07 9.25
C SER B 80 4.01 -16.98 8.57
N ILE B 81 4.44 -17.23 7.34
CA ILE B 81 5.28 -16.27 6.64
C ILE B 81 4.50 -15.00 6.30
N ALA B 82 3.21 -15.13 5.98
CA ALA B 82 2.39 -13.95 5.74
C ALA B 82 2.36 -13.05 6.96
N ARG B 83 2.33 -13.64 8.15
CA ARG B 83 2.50 -12.87 9.38
C ARG B 83 3.88 -12.22 9.42
N GLU B 84 4.90 -12.96 9.01
CA GLU B 84 6.25 -12.41 8.93
C GLU B 84 6.32 -11.27 7.92
N ILE B 85 5.67 -11.44 6.77
CA ILE B 85 5.67 -10.40 5.75
C ILE B 85 5.00 -9.14 6.27
N TYR B 86 3.85 -9.29 6.93
CA TYR B 86 3.17 -8.13 7.50
C TYR B 86 4.01 -7.47 8.59
N GLU B 87 4.67 -8.28 9.41
CA GLU B 87 5.54 -7.73 10.45
C GLU B 87 6.71 -6.95 9.85
N MET B 88 7.31 -7.49 8.78
CA MET B 88 8.40 -6.77 8.12
C MET B 88 7.90 -5.48 7.46
N TYR B 89 6.70 -5.52 6.87
CA TYR B 89 6.15 -4.34 6.21
C TYR B 89 5.77 -3.24 7.19
N GLU B 90 5.68 -3.54 8.49
CA GLU B 90 5.47 -2.50 9.48
C GLU B 90 6.69 -1.59 9.63
N ALA B 91 7.83 -1.98 9.05
CA ALA B 91 9.03 -1.15 9.14
C ALA B 91 9.04 -0.03 8.10
N VAL B 92 8.51 -0.30 6.90
CA VAL B 92 8.51 0.72 5.85
C VAL B 92 7.40 1.74 6.08
N SER B 93 6.18 1.26 6.26
CA SER B 93 5.02 2.13 6.45
C SER B 93 3.84 1.31 6.98
N ASP B 94 3.24 1.76 8.08
CA ASP B 94 2.19 0.99 8.75
C ASP B 94 0.90 1.09 7.93
N ALA B 95 0.86 0.30 6.85
CA ALA B 95 -0.37 0.19 6.06
C ALA B 95 -1.41 -0.60 6.85
N LYS B 96 -2.62 -0.06 6.93
CA LYS B 96 -3.67 -0.64 7.74
C LYS B 96 -4.50 -1.60 6.91
N ARG B 97 -4.75 -2.79 7.46
CA ARG B 97 -5.58 -3.80 6.80
C ARG B 97 -7.03 -3.56 7.23
N ILE B 98 -7.77 -2.81 6.40
CA ILE B 98 -9.15 -2.46 6.68
C ILE B 98 -10.06 -3.47 5.98
N GLU B 99 -11.02 -4.01 6.73
CA GLU B 99 -11.98 -4.93 6.13
C GLU B 99 -12.83 -4.22 5.08
N GLY B 100 -13.01 -4.87 3.94
CA GLY B 100 -13.65 -4.26 2.79
C GLY B 100 -15.09 -4.70 2.61
N PHE B 101 -15.89 -3.83 2.00
CA PHE B 101 -17.30 -4.10 1.76
C PHE B 101 -17.69 -3.51 0.41
N THR B 102 -18.81 -4.01 -0.13
CA THR B 102 -19.38 -3.52 -1.38
C THR B 102 -20.83 -3.12 -1.13
N LEU B 103 -21.24 -2.00 -1.72
CA LEU B 103 -22.60 -1.48 -1.57
C LEU B 103 -23.24 -1.39 -2.95
N SER B 104 -24.08 -2.38 -3.27
CA SER B 104 -24.80 -2.42 -4.53
C SER B 104 -26.27 -2.70 -4.25
N GLU B 105 -27.15 -1.96 -4.92
CA GLU B 105 -28.59 -2.03 -4.69
C GLU B 105 -28.93 -1.79 -3.23
N GLU B 106 -28.18 -0.88 -2.59
CA GLU B 106 -28.34 -0.56 -1.17
C GLU B 106 -28.20 -1.80 -0.29
N ILE B 107 -27.35 -2.74 -0.70
CA ILE B 107 -27.09 -3.97 0.04
C ILE B 107 -25.60 -4.05 0.32
N LEU B 108 -25.25 -4.28 1.59
CA LEU B 108 -23.86 -4.34 2.01
C LEU B 108 -23.40 -5.79 2.10
N LYS B 109 -22.24 -6.07 1.52
CA LYS B 109 -21.68 -7.42 1.50
C LYS B 109 -20.20 -7.35 1.82
N SER B 110 -19.72 -8.30 2.61
CA SER B 110 -18.30 -8.36 2.93
C SER B 110 -17.49 -8.74 1.71
N ASP B 111 -16.28 -8.17 1.61
CA ASP B 111 -15.42 -8.40 0.46
C ASP B 111 -13.98 -8.53 0.96
N LYS B 112 -13.03 -8.46 0.04
CA LYS B 112 -11.62 -8.62 0.38
C LYS B 112 -11.15 -7.48 1.27
N GLN B 113 -10.28 -7.80 2.22
CA GLN B 113 -9.68 -6.79 3.08
C GLN B 113 -8.80 -5.86 2.25
N LEU B 114 -8.79 -4.58 2.62
CA LEU B 114 -8.15 -3.54 1.84
C LEU B 114 -6.95 -2.98 2.60
N SER B 115 -5.84 -2.80 1.90
CA SER B 115 -4.61 -2.29 2.49
C SER B 115 -4.48 -0.80 2.20
N VAL B 116 -4.46 0.01 3.26
CA VAL B 116 -4.40 1.46 3.13
C VAL B 116 -3.37 1.99 4.12
N ASP B 117 -2.50 2.87 3.64
CA ASP B 117 -1.49 3.48 4.51
C ASP B 117 -2.15 4.34 5.58
N ALA B 118 -1.52 4.38 6.75
CA ALA B 118 -2.04 5.17 7.86
C ALA B 118 -1.98 6.67 7.59
N GLN B 119 -1.24 7.11 6.57
CA GLN B 119 -1.18 8.52 6.24
C GLN B 119 -2.48 9.02 5.63
N PHE B 120 -3.35 8.12 5.17
CA PHE B 120 -4.64 8.53 4.61
C PHE B 120 -5.55 9.18 5.64
N PHE B 121 -5.36 8.88 6.92
CA PHE B 121 -6.27 9.29 7.97
C PHE B 121 -5.56 10.21 8.96
N THR B 122 -6.26 11.26 9.38
CA THR B 122 -5.75 12.20 10.37
C THR B 122 -5.98 11.74 11.81
N LYS B 123 -6.72 10.66 12.00
CA LYS B 123 -7.04 10.12 13.31
C LYS B 123 -6.77 8.62 13.32
N PRO B 124 -6.52 8.03 14.50
CA PRO B 124 -6.21 6.60 14.57
C PRO B 124 -7.42 5.71 14.36
N LEU B 125 -7.72 5.42 13.10
CA LEU B 125 -8.89 4.61 12.76
C LEU B 125 -8.63 3.16 13.17
N THR B 126 -9.11 2.80 14.35
CA THR B 126 -8.94 1.44 14.84
C THR B 126 -10.03 0.51 14.28
N ASP B 127 -11.30 0.84 14.53
CA ASP B 127 -12.43 0.07 14.03
C ASP B 127 -13.01 0.82 12.84
N GLY B 128 -12.65 0.38 11.63
CA GLY B 128 -13.07 1.07 10.44
C GLY B 128 -13.43 0.10 9.33
N MET B 129 -14.14 0.63 8.33
CA MET B 129 -14.57 -0.13 7.17
C MET B 129 -14.13 0.58 5.90
N ALA B 130 -14.14 -0.18 4.80
CA ALA B 130 -13.87 0.35 3.47
C ALA B 130 -14.96 -0.17 2.54
N ILE B 131 -15.89 0.71 2.17
CA ILE B 131 -17.03 0.35 1.33
C ILE B 131 -16.79 0.88 -0.07
N ARG B 132 -16.89 0.00 -1.06
CA ARG B 132 -16.75 0.37 -2.46
C ARG B 132 -18.15 0.45 -3.08
N SER B 133 -18.49 1.61 -3.64
CA SER B 133 -19.82 1.82 -4.19
C SER B 133 -19.78 2.96 -5.19
N GLU B 134 -20.48 2.76 -6.32
CA GLU B 134 -20.64 3.79 -7.35
C GLU B 134 -19.30 4.32 -7.84
N GLY B 135 -18.34 3.41 -8.00
CA GLY B 135 -17.02 3.80 -8.47
C GLY B 135 -16.18 4.52 -7.44
N LYS B 136 -16.59 4.55 -6.18
CA LYS B 136 -15.87 5.23 -5.11
C LYS B 136 -15.63 4.28 -3.96
N ILE B 137 -14.60 4.58 -3.17
CA ILE B 137 -14.28 3.81 -1.97
C ILE B 137 -14.44 4.75 -0.78
N TYR B 138 -15.34 4.38 0.13
CA TYR B 138 -15.65 5.18 1.31
C TYR B 138 -15.02 4.55 2.54
N PHE B 139 -14.23 5.34 3.26
CA PHE B 139 -13.57 4.89 4.48
C PHE B 139 -14.39 5.37 5.67
N VAL B 140 -14.93 4.41 6.42
CA VAL B 140 -15.96 4.66 7.44
C VAL B 140 -15.35 4.39 8.82
N ASP B 141 -15.54 5.35 9.73
CA ASP B 141 -15.14 5.18 11.13
C ASP B 141 -16.33 4.61 11.89
N LYS B 142 -16.18 3.36 12.36
CA LYS B 142 -17.29 2.68 13.02
C LYS B 142 -17.59 3.23 14.40
N GLN B 143 -16.62 3.86 15.06
CA GLN B 143 -16.80 4.41 16.41
C GLN B 143 -16.50 5.89 16.36
N ALA B 144 -17.52 6.69 16.04
CA ALA B 144 -17.39 8.14 16.02
C ALA B 144 -18.66 8.76 16.59
N SER B 145 -18.50 9.90 17.26
CA SER B 145 -19.64 10.58 17.87
C SER B 145 -20.58 11.10 16.79
N LEU B 146 -21.88 11.08 17.12
CA LEU B 146 -22.89 11.55 16.17
C LEU B 146 -22.79 13.06 16.00
N SER B 147 -22.62 13.50 14.75
CA SER B 147 -22.49 14.91 14.44
C SER B 147 -22.82 15.11 12.98
N ASP B 148 -22.98 16.37 12.58
CA ASP B 148 -23.29 16.70 11.20
C ASP B 148 -22.11 16.32 10.31
N GLY B 149 -22.37 15.46 9.32
CA GLY B 149 -21.32 15.02 8.43
C GLY B 149 -21.82 13.91 7.53
N LEU B 150 -20.86 13.28 6.84
CA LEU B 150 -21.17 12.18 5.93
C LEU B 150 -21.13 10.87 6.71
N TRP B 151 -22.23 10.11 6.64
CA TRP B 151 -22.39 8.90 7.43
C TRP B 151 -22.84 7.74 6.55
N LEU B 152 -22.44 6.53 6.96
CA LEU B 152 -22.94 5.30 6.35
C LEU B 152 -24.11 4.83 7.21
N VAL B 153 -25.32 5.05 6.72
CA VAL B 153 -26.53 4.86 7.51
C VAL B 153 -27.32 3.67 6.97
N ASP B 154 -28.36 3.30 7.70
CA ASP B 154 -29.30 2.27 7.29
C ASP B 154 -30.72 2.78 7.56
N ILE B 155 -31.54 2.81 6.52
CA ILE B 155 -32.90 3.33 6.60
C ILE B 155 -33.85 2.20 6.21
N GLU B 156 -34.43 1.54 7.21
CA GLU B 156 -35.46 0.54 7.01
C GLU B 156 -34.99 -0.59 6.09
N GLY B 157 -33.79 -1.10 6.37
CA GLY B 157 -33.27 -2.21 5.59
C GLY B 157 -32.56 -1.83 4.31
N ALA B 158 -32.19 -0.56 4.15
CA ALA B 158 -31.45 -0.10 2.98
C ALA B 158 -30.25 0.72 3.45
N ILE B 159 -29.06 0.36 2.96
CA ILE B 159 -27.83 1.01 3.35
C ILE B 159 -27.40 1.95 2.22
N SER B 160 -27.15 3.21 2.56
CA SER B 160 -26.70 4.20 1.59
C SER B 160 -25.85 5.24 2.31
N ILE B 161 -25.00 5.92 1.54
CA ILE B 161 -24.20 7.02 2.05
C ILE B 161 -25.03 8.29 1.99
N ARG B 162 -25.28 8.89 3.16
CA ARG B 162 -26.10 10.09 3.26
C ARG B 162 -25.44 11.09 4.17
N GLU B 163 -25.68 12.38 3.88
CA GLU B 163 -25.15 13.47 4.69
C GLU B 163 -26.23 13.90 5.68
N LEU B 164 -25.87 13.90 6.96
CA LEU B 164 -26.81 14.13 8.04
C LEU B 164 -26.63 15.52 8.62
N THR B 165 -27.73 16.07 9.14
CA THR B 165 -27.74 17.38 9.79
C THR B 165 -28.71 17.33 10.96
N LYS B 166 -28.20 17.47 12.17
CA LYS B 166 -29.05 17.43 13.35
C LYS B 166 -29.98 18.64 13.39
N LEU B 167 -31.22 18.40 13.80
CA LEU B 167 -32.26 19.41 13.85
C LEU B 167 -32.92 19.39 15.22
N PRO B 168 -33.53 20.51 15.63
CA PRO B 168 -34.21 20.54 16.93
C PRO B 168 -35.39 19.57 16.96
N GLY B 169 -35.81 19.23 18.18
CA GLY B 169 -36.89 18.27 18.35
C GLY B 169 -36.47 16.84 18.08
N ARG B 170 -35.19 16.52 18.27
CA ARG B 170 -34.67 15.17 18.05
C ARG B 170 -34.93 14.69 16.62
N LYS B 171 -34.81 15.60 15.67
CA LYS B 171 -35.04 15.31 14.26
C LYS B 171 -33.73 15.37 13.48
N LEU B 172 -33.80 14.97 12.22
CA LEU B 172 -32.64 14.91 11.35
C LEU B 172 -33.02 15.38 9.95
N HIS B 173 -32.01 15.76 9.18
CA HIS B 173 -32.16 16.03 7.75
C HIS B 173 -31.20 15.13 6.99
N VAL B 174 -31.76 14.29 6.11
CA VAL B 174 -30.98 13.31 5.37
C VAL B 174 -30.82 13.83 3.94
N ALA B 175 -29.58 13.94 3.49
CA ALA B 175 -29.27 14.39 2.14
C ALA B 175 -28.30 13.40 1.49
N GLY B 176 -28.36 13.33 0.16
CA GLY B 176 -27.53 12.41 -0.58
C GLY B 176 -28.33 11.55 -1.52
N GLY B 177 -29.54 11.18 -1.11
CA GLY B 177 -30.44 10.43 -1.96
C GLY B 177 -31.06 11.32 -3.03
N LYS B 178 -31.84 10.68 -3.89
CA LYS B 178 -32.49 11.42 -4.98
C LYS B 178 -33.51 12.42 -4.43
N VAL B 179 -34.06 12.17 -3.24
CA VAL B 179 -35.00 13.10 -2.62
C VAL B 179 -34.61 13.30 -1.16
N PRO B 180 -34.19 14.49 -0.75
CA PRO B 180 -33.90 14.73 0.67
C PRO B 180 -35.18 14.75 1.49
N PHE B 181 -35.04 14.41 2.77
CA PHE B 181 -36.18 14.31 3.67
C PHE B 181 -35.73 14.57 5.09
N GLU B 182 -36.71 14.65 5.99
CA GLU B 182 -36.47 14.85 7.41
C GLU B 182 -37.16 13.75 8.21
N CYS B 183 -36.58 13.41 9.35
CA CYS B 183 -37.11 12.38 10.23
C CYS B 183 -36.41 12.49 11.57
N GLY B 184 -36.92 11.74 12.55
CA GLY B 184 -36.27 11.69 13.84
C GLY B 184 -34.94 10.96 13.79
N ILE B 185 -34.08 11.27 14.77
CA ILE B 185 -32.75 10.66 14.80
C ILE B 185 -32.85 9.15 14.99
N ASP B 186 -33.92 8.68 15.63
CA ASP B 186 -34.10 7.25 15.87
C ASP B 186 -34.75 6.53 14.69
N ASP B 187 -35.18 7.25 13.66
CA ASP B 187 -35.64 6.62 12.43
C ASP B 187 -34.48 6.19 11.54
N ILE B 188 -33.26 6.54 11.89
CA ILE B 188 -32.07 6.22 11.10
C ILE B 188 -31.09 5.48 12.00
N LYS B 189 -30.55 4.37 11.51
CA LYS B 189 -29.51 3.62 12.19
C LYS B 189 -28.17 3.99 11.58
N THR B 190 -27.25 4.48 12.41
CA THR B 190 -25.94 4.94 11.96
C THR B 190 -24.92 3.82 12.15
N LEU B 191 -24.29 3.41 11.05
CA LEU B 191 -23.29 2.35 11.08
C LEU B 191 -21.86 2.86 11.13
N GLY B 192 -21.65 4.15 10.93
CA GLY B 192 -20.32 4.72 10.98
C GLY B 192 -20.24 6.02 10.23
N ARG B 193 -19.21 6.80 10.56
CA ARG B 193 -19.00 8.13 10.00
C ARG B 193 -17.94 8.06 8.91
N VAL B 194 -18.26 8.59 7.73
CA VAL B 194 -17.32 8.60 6.63
C VAL B 194 -16.23 9.63 6.91
N VAL B 195 -14.97 9.20 6.83
CA VAL B 195 -13.84 10.08 7.09
C VAL B 195 -12.98 10.32 5.87
N GLY B 196 -13.07 9.50 4.82
CA GLY B 196 -12.29 9.70 3.62
C GLY B 196 -12.91 9.03 2.40
N VAL B 197 -12.85 9.70 1.25
CA VAL B 197 -13.46 9.20 0.03
C VAL B 197 -12.40 9.17 -1.06
N TYR B 198 -12.27 8.03 -1.73
CA TYR B 198 -11.42 7.88 -2.90
C TYR B 198 -12.28 7.59 -4.12
N SER B 199 -11.90 8.15 -5.26
CA SER B 199 -12.65 7.97 -6.49
C SER B 199 -11.71 8.01 -7.68
N GLU B 200 -12.11 7.37 -8.76
CA GLU B 200 -11.36 7.40 -10.01
C GLU B 200 -11.82 8.59 -10.86
N VAL B 201 -11.42 8.60 -12.13
CA VAL B 201 -11.76 9.72 -13.00
C VAL B 201 -13.27 9.78 -13.20
N ASN B 202 -13.84 10.94 -12.92
CA ASN B 202 -15.28 11.13 -13.05
C ASN B 202 -15.60 12.24 -14.05
#